data_9K6S
#
_entry.id   9K6S
#
_cell.length_a   1.00
_cell.length_b   1.00
_cell.length_c   1.00
_cell.angle_alpha   90.00
_cell.angle_beta   90.00
_cell.angle_gamma   90.00
#
_symmetry.space_group_name_H-M   'P 1'
#
loop_
_entity.id
_entity.type
_entity.pdbx_description
1 polymer 'Protein argonaute-2'
2 polymer "RNA (5'-R(P*UP*AP*CP*AP*AP*GP*AP*GP*CP*CP*UP*UP*UP*CP*UP*GP*UP*UP*G)-3')"
3 polymer "RNA (5'-R(P*CP*AP*AP*CP*AP*GP*AP*AP*AP*GP*GP*CP*UP*CP*UP*UP*GP*UP*U)-3')"
4 non-polymer 'MAGNESIUM ION'
#
loop_
_entity_poly.entity_id
_entity_poly.type
_entity_poly.pdbx_seq_one_letter_code
_entity_poly.pdbx_strand_id
1 'polypeptide(L)'
;MYSGAGPALAPPAPPPPIQGYAFKPPPRPDFGTSGRTIKLQANFFEMDIPKIDIYHYELDIKPEKCPRRVNREIVEHMVQ
HFKTQIFGDRKPVFDGRKNLYTAMPLPIGRDKVELEVTLPGEGKDRIFKVSIKWVSCVSLQALHDALSGRLPSVPFETIQ
ALDVVMRHLPSMRYTPVGRSFFTASEGCSNPLGGGREVWFGFHQSVRPSLWKMMLNIDVSATAFYKAQPVIEFVCEVLDF
KSIEEQQKPLTDSQRVKFTKEIKGLKVEITHCGQMKRKYRVCNVTRRPASHQTFPLQQESGQTVECTVAQYFKDRHKLVL
RYPHLPCLQVGQEQKHTYLPLEVCNIVAGQRCIKKLTDNQTSTMIRATARSAPDRQEEISKLMRSASFNTDPYVREFGIM
VKDEMTDVTGRVLQPPSILYGGRNKAIATPVQGVWDMRNKQFHTGIEIKVWAIACFAPQRQCTEVHLKSFTEQLRKISRD
AGMPIQGQPCFCKYAQGADSVEPMFRHLKNTYAGLQLVVVILPGKTPVYAEVKRVGDTVLGMATQCVQMKNVQRTTPQTL
SNLCLKINVKLGGVNNILLPQGRPPVFQQPVIFLGADVTHPPAGDGKKPSIAAVVGSMDAHPNRYCATVRVQQHRQEIIQ
DLAAMVRELLIQFYKSTRFKPTRIIFYRAGVSEGQFQQVLHHELLAIREACIKLEKDYQPGITFIVVQKRHHTRLFCTDK
NERVGKSGNIPAGTTVDTKITHPTEFDFYLCSHAGIQGTSRPSHYHVLWDDNRFSSDELQILTYQLCHTYVRCTRSVSIP
APAYYAHLVAFRARYHLVDKEHDSAEGSHTSGQSNGRDHQALAKAVQVHQDTLRTMYFA
;
A
2 'polyribonucleotide' UACAAGAGCCUUUCUGUUG B
3 'polyribonucleotide' CAACAGAAAGGCUCUUGUU C
#
# COMPACT_ATOMS: atom_id res chain seq x y z
N GLY A 410 3.53 -1.36 -27.61
CA GLY A 410 2.72 -0.17 -27.47
C GLY A 410 3.54 1.11 -27.36
N ARG A 411 3.51 1.72 -26.18
CA ARG A 411 4.24 2.97 -25.91
C ARG A 411 4.90 2.82 -24.54
N VAL A 412 6.14 2.32 -24.53
CA VAL A 412 6.86 2.07 -23.29
C VAL A 412 7.21 3.40 -22.64
N LEU A 413 6.48 3.74 -21.58
CA LEU A 413 6.64 5.02 -20.93
C LEU A 413 7.96 5.07 -20.15
N GLN A 414 8.56 6.25 -20.12
CA GLN A 414 9.83 6.42 -19.42
C GLN A 414 9.60 6.35 -17.92
N PRO A 415 10.32 5.50 -17.20
CA PRO A 415 10.23 5.49 -15.73
C PRO A 415 10.75 6.78 -15.15
N PRO A 416 10.06 7.34 -14.16
CA PRO A 416 10.49 8.62 -13.59
C PRO A 416 11.78 8.46 -12.79
N SER A 417 12.49 9.57 -12.65
CA SER A 417 13.71 9.60 -11.86
C SER A 417 13.35 9.52 -10.39
N ILE A 418 13.67 8.40 -9.75
CA ILE A 418 13.47 8.27 -8.31
C ILE A 418 14.50 9.12 -7.59
N LEU A 419 14.04 10.04 -6.74
CA LEU A 419 14.93 10.89 -5.96
C LEU A 419 15.22 10.21 -4.63
N TYR A 420 16.24 9.37 -4.63
CA TYR A 420 16.85 8.94 -3.38
C TYR A 420 17.58 10.14 -2.77
N GLY A 421 17.46 10.28 -1.46
CA GLY A 421 18.03 11.45 -0.80
C GLY A 421 19.37 11.20 -0.13
N GLY A 422 19.48 11.60 1.14
CA GLY A 422 20.73 11.44 1.85
C GLY A 422 21.74 12.51 1.45
N ARG A 423 23.01 12.21 1.74
CA ARG A 423 24.07 13.16 1.44
C ARG A 423 24.38 13.20 -0.05
N ASN A 424 24.33 12.04 -0.72
CA ASN A 424 24.65 12.00 -2.14
C ASN A 424 23.52 12.54 -3.01
N LYS A 425 22.27 12.35 -2.57
CA LYS A 425 21.06 12.75 -3.32
C LYS A 425 21.04 12.14 -4.72
N ALA A 426 21.45 10.88 -4.81
CA ALA A 426 21.56 10.20 -6.10
C ALA A 426 20.19 9.77 -6.61
N ILE A 427 20.15 9.41 -7.89
CA ILE A 427 18.92 9.00 -8.56
C ILE A 427 19.10 7.56 -9.03
N ALA A 428 18.19 6.69 -8.62
CA ALA A 428 18.21 5.28 -9.02
C ALA A 428 17.21 5.11 -10.17
N THR A 429 17.70 5.29 -11.39
CA THR A 429 16.85 5.17 -12.57
C THR A 429 16.51 3.71 -12.82
N PRO A 430 15.22 3.36 -12.95
CA PRO A 430 14.86 1.96 -13.18
C PRO A 430 15.24 1.51 -14.58
N VAL A 431 15.86 0.33 -14.65
CA VAL A 431 16.19 -0.31 -15.92
C VAL A 431 15.51 -1.69 -15.93
N GLN A 432 14.75 -1.96 -16.99
CA GLN A 432 13.95 -3.18 -17.14
C GLN A 432 12.97 -3.36 -15.97
N GLY A 433 12.47 -2.25 -15.42
CA GLY A 433 11.47 -2.29 -14.38
C GLY A 433 11.98 -2.42 -12.97
N VAL A 434 13.29 -2.59 -12.76
CA VAL A 434 13.86 -2.77 -11.43
C VAL A 434 15.11 -1.91 -11.31
N TRP A 435 15.23 -1.20 -10.20
CA TRP A 435 16.36 -0.32 -9.97
C TRP A 435 17.20 -0.81 -8.79
N ASP A 436 18.50 -0.56 -8.87
CA ASP A 436 19.40 -0.92 -7.78
C ASP A 436 19.22 0.02 -6.60
N MET A 437 19.58 -0.47 -5.40
CA MET A 437 19.51 0.32 -4.18
C MET A 437 20.87 0.72 -3.66
N ARG A 438 21.95 0.10 -4.14
CA ARG A 438 23.28 0.37 -3.62
C ARG A 438 23.73 1.78 -3.95
N ASN A 439 24.42 2.41 -2.99
CA ASN A 439 24.89 3.79 -3.04
C ASN A 439 23.77 4.81 -3.19
N LYS A 440 22.54 4.43 -2.84
CA LYS A 440 21.38 5.31 -2.89
C LYS A 440 20.82 5.42 -1.48
N GLN A 441 20.57 6.65 -1.04
CA GLN A 441 20.14 6.92 0.34
C GLN A 441 18.73 7.48 0.36
N PHE A 442 17.97 7.14 1.41
CA PHE A 442 16.55 7.47 1.46
C PHE A 442 16.32 8.98 1.50
N HIS A 443 15.18 9.39 0.92
CA HIS A 443 14.84 10.81 0.84
C HIS A 443 14.58 11.39 2.22
N THR A 444 13.72 10.74 2.99
CA THR A 444 13.36 11.18 4.34
C THR A 444 13.50 9.98 5.28
N GLY A 445 14.66 9.33 5.19
CA GLY A 445 14.97 8.21 6.06
C GLY A 445 15.01 8.64 7.51
N ILE A 446 13.97 8.30 8.25
CA ILE A 446 13.81 8.78 9.62
C ILE A 446 14.70 7.95 10.54
N GLU A 447 15.42 8.63 11.44
CA GLU A 447 16.31 7.97 12.37
C GLU A 447 15.55 7.00 13.26
N ILE A 448 16.07 5.78 13.37
CA ILE A 448 15.46 4.75 14.20
C ILE A 448 16.08 4.85 15.59
N LYS A 449 15.27 5.31 16.55
CA LYS A 449 15.75 5.38 17.92
C LYS A 449 15.46 4.08 18.67
N VAL A 450 14.22 3.61 18.58
CA VAL A 450 13.80 2.37 19.22
C VAL A 450 13.09 1.51 18.18
N TRP A 451 13.46 0.22 18.13
CA TRP A 451 12.83 -0.73 17.24
C TRP A 451 12.91 -2.11 17.87
N ALA A 452 11.98 -2.97 17.48
CA ALA A 452 11.85 -4.29 18.08
C ALA A 452 11.73 -5.35 17.01
N ILE A 453 12.45 -6.45 17.20
CA ILE A 453 12.40 -7.63 16.34
C ILE A 453 11.86 -8.78 17.19
N ALA A 454 11.15 -9.70 16.57
CA ALA A 454 10.51 -10.79 17.27
C ALA A 454 10.54 -12.07 16.44
N CYS A 455 10.68 -13.19 17.14
CA CYS A 455 10.87 -14.49 16.51
C CYS A 455 9.63 -15.35 16.78
N PHE A 456 8.70 -15.36 15.82
CA PHE A 456 7.60 -16.30 15.84
C PHE A 456 7.92 -17.57 15.07
N ALA A 457 9.05 -17.60 14.36
CA ALA A 457 9.52 -18.81 13.73
C ALA A 457 10.13 -19.74 14.77
N PRO A 458 10.16 -21.05 14.50
CA PRO A 458 10.83 -21.96 15.44
C PRO A 458 12.33 -21.74 15.50
N GLN A 459 12.90 -22.05 16.67
CA GLN A 459 14.33 -21.90 16.87
C GLN A 459 15.16 -22.92 16.10
N ARG A 460 14.57 -24.09 15.78
CA ARG A 460 15.32 -25.12 15.07
C ARG A 460 15.62 -24.69 13.63
N GLN A 461 14.73 -23.90 13.04
CA GLN A 461 14.89 -23.48 11.66
C GLN A 461 15.67 -22.16 11.57
N CYS A 462 15.19 -21.13 12.25
CA CYS A 462 15.85 -19.82 12.29
C CYS A 462 16.44 -19.62 13.68
N THR A 463 17.74 -19.41 13.75
CA THR A 463 18.46 -19.33 15.01
C THR A 463 18.78 -17.88 15.37
N GLU A 464 19.29 -17.71 16.60
CA GLU A 464 19.64 -16.38 17.07
C GLU A 464 20.84 -15.80 16.33
N VAL A 465 21.80 -16.66 15.96
CA VAL A 465 22.93 -16.20 15.15
C VAL A 465 22.46 -15.74 13.78
N HIS A 466 21.52 -16.48 13.18
CA HIS A 466 20.95 -16.09 11.89
C HIS A 466 20.20 -14.77 11.99
N LEU A 467 19.43 -14.59 13.06
CA LEU A 467 18.70 -13.33 13.25
C LEU A 467 19.65 -12.17 13.49
N LYS A 468 20.72 -12.40 14.25
CA LYS A 468 21.70 -11.35 14.50
C LYS A 468 22.44 -10.96 13.22
N SER A 469 22.79 -11.95 12.39
CA SER A 469 23.43 -11.65 11.11
C SER A 469 22.48 -10.90 10.19
N PHE A 470 21.20 -11.29 10.16
CA PHE A 470 20.21 -10.58 9.36
C PHE A 470 20.04 -9.15 9.84
N THR A 471 20.00 -8.94 11.16
CA THR A 471 19.87 -7.60 11.72
C THR A 471 21.08 -6.74 11.37
N GLU A 472 22.29 -7.30 11.48
CA GLU A 472 23.51 -6.57 11.16
C GLU A 472 23.58 -6.22 9.67
N GLN A 473 23.21 -7.17 8.80
CA GLN A 473 23.27 -6.90 7.37
C GLN A 473 22.19 -5.90 6.93
N LEU A 474 21.00 -5.97 7.54
CA LEU A 474 19.96 -4.99 7.23
C LEU A 474 20.35 -3.61 7.73
N ARG A 475 20.97 -3.53 8.91
CA ARG A 475 21.45 -2.25 9.41
C ARG A 475 22.53 -1.67 8.51
N LYS A 476 23.45 -2.52 8.04
CA LYS A 476 24.52 -2.04 7.18
C LYS A 476 24.00 -1.60 5.81
N ILE A 477 23.00 -2.32 5.28
CA ILE A 477 22.42 -1.89 4.01
C ILE A 477 21.47 -0.71 4.20
N SER A 478 21.03 -0.45 5.42
CA SER A 478 20.25 0.75 5.70
C SER A 478 21.14 1.97 5.88
N ARG A 479 22.37 1.78 6.36
CA ARG A 479 23.33 2.88 6.39
C ARG A 479 23.69 3.33 4.98
N ASP A 480 23.85 2.38 4.06
CA ASP A 480 23.96 2.73 2.65
C ASP A 480 22.66 3.33 2.11
N ALA A 481 21.52 3.01 2.72
CA ALA A 481 20.24 3.57 2.33
C ALA A 481 19.92 4.86 3.07
N GLY A 482 20.90 5.44 3.76
CA GLY A 482 20.70 6.69 4.47
C GLY A 482 19.68 6.60 5.58
N MET A 483 19.60 5.45 6.23
CA MET A 483 18.56 5.16 7.23
C MET A 483 19.28 4.63 8.46
N PRO A 484 19.70 5.52 9.36
CA PRO A 484 20.50 5.07 10.52
C PRO A 484 19.68 4.32 11.55
N ILE A 485 19.96 3.04 11.70
CA ILE A 485 19.36 2.21 12.74
C ILE A 485 20.43 2.06 13.82
N GLN A 486 20.38 2.95 14.81
CA GLN A 486 21.44 3.05 15.81
C GLN A 486 21.28 1.97 16.87
N GLY A 487 22.34 1.19 17.09
CA GLY A 487 22.39 0.27 18.20
C GLY A 487 21.59 -1.00 17.97
N GLN A 488 21.85 -1.98 18.85
CA GLN A 488 21.15 -3.25 18.81
C GLN A 488 19.66 -3.04 19.15
N PRO A 489 18.77 -3.86 18.58
CA PRO A 489 17.35 -3.76 18.93
C PRO A 489 17.11 -4.06 20.40
N CYS A 490 16.22 -3.28 21.00
CA CYS A 490 15.98 -3.39 22.43
C CYS A 490 15.12 -4.59 22.79
N PHE A 491 14.48 -5.22 21.82
CA PHE A 491 13.62 -6.38 22.06
C PHE A 491 13.96 -7.47 21.06
N CYS A 492 14.25 -8.67 21.56
CA CYS A 492 14.42 -9.85 20.70
C CYS A 492 14.10 -11.06 21.57
N LYS A 493 12.88 -11.57 21.44
CA LYS A 493 12.41 -12.69 22.25
C LYS A 493 11.74 -13.73 21.36
N TYR A 494 11.25 -14.80 21.98
CA TYR A 494 10.68 -15.94 21.28
C TYR A 494 9.26 -16.18 21.76
N ALA A 495 8.36 -16.44 20.81
CA ALA A 495 6.96 -16.76 21.12
C ALA A 495 6.37 -17.48 19.92
N GLN A 496 5.19 -18.06 20.13
CA GLN A 496 4.49 -18.77 19.07
C GLN A 496 3.00 -18.80 19.39
N GLY A 497 2.17 -18.64 18.36
CA GLY A 497 0.74 -18.74 18.50
C GLY A 497 0.05 -17.38 18.43
N ALA A 498 -1.24 -17.42 18.09
CA ALA A 498 -2.03 -16.20 18.01
C ALA A 498 -2.37 -15.67 19.39
N ASP A 499 -2.46 -16.55 20.39
CA ASP A 499 -2.76 -16.10 21.74
C ASP A 499 -1.57 -15.39 22.38
N SER A 500 -0.35 -15.69 21.93
CA SER A 500 0.84 -15.02 22.42
C SER A 500 1.10 -13.69 21.74
N VAL A 501 0.27 -13.31 20.77
CA VAL A 501 0.45 -12.03 20.08
C VAL A 501 0.15 -10.87 21.01
N GLU A 502 -0.95 -10.95 21.76
CA GLU A 502 -1.40 -9.83 22.58
C GLU A 502 -0.42 -9.36 23.65
N PRO A 503 0.16 -10.24 24.54
CA PRO A 503 0.99 -9.69 25.63
C PRO A 503 2.31 -9.12 25.16
N MET A 504 2.95 -9.77 24.19
CA MET A 504 4.20 -9.26 23.64
C MET A 504 3.99 -7.92 22.94
N PHE A 505 2.92 -7.82 22.15
CA PHE A 505 2.66 -6.60 21.40
C PHE A 505 2.29 -5.46 22.34
N ARG A 506 1.52 -5.76 23.40
CA ARG A 506 1.18 -4.75 24.39
C ARG A 506 2.40 -4.30 25.17
N HIS A 507 3.32 -5.24 25.45
CA HIS A 507 4.59 -4.87 26.09
C HIS A 507 5.39 -3.94 25.19
N LEU A 508 5.45 -4.24 23.90
CA LEU A 508 6.15 -3.37 22.95
C LEU A 508 5.45 -2.03 22.75
N LYS A 509 4.15 -1.95 23.02
CA LYS A 509 3.44 -0.68 23.10
C LYS A 509 3.81 0.11 24.35
N ASN A 510 3.91 -0.55 25.50
CA ASN A 510 4.02 0.16 26.79
C ASN A 510 5.41 0.08 27.39
N THR A 511 6.45 -0.13 26.58
CA THR A 511 7.82 -0.09 27.09
C THR A 511 8.70 0.93 26.38
N TYR A 512 8.63 1.04 25.05
CA TYR A 512 9.47 1.95 24.29
C TYR A 512 8.62 3.13 23.84
N ALA A 513 8.81 4.28 24.48
CA ALA A 513 8.09 5.48 24.11
C ALA A 513 8.59 6.00 22.77
N GLY A 514 7.65 6.39 21.91
CA GLY A 514 8.00 6.83 20.57
C GLY A 514 8.32 5.72 19.60
N LEU A 515 8.07 4.46 19.97
CA LEU A 515 8.30 3.35 19.06
C LEU A 515 7.29 3.41 17.91
N GLN A 516 7.79 3.18 16.70
CA GLN A 516 6.99 3.36 15.50
C GLN A 516 6.84 2.11 14.64
N LEU A 517 7.60 1.04 14.92
CA LEU A 517 7.48 -0.15 14.09
C LEU A 517 7.88 -1.38 14.89
N VAL A 518 7.11 -2.45 14.71
CA VAL A 518 7.39 -3.77 15.25
C VAL A 518 7.69 -4.71 14.08
N VAL A 519 8.70 -5.55 14.23
CA VAL A 519 9.13 -6.48 13.19
C VAL A 519 9.02 -7.89 13.74
N VAL A 520 8.35 -8.78 13.01
CA VAL A 520 8.26 -10.18 13.40
C VAL A 520 8.69 -11.04 12.22
N ILE A 521 9.16 -12.25 12.54
CA ILE A 521 9.47 -13.23 11.51
C ILE A 521 8.50 -14.39 11.65
N LEU A 522 8.05 -14.91 10.50
CA LEU A 522 7.02 -15.94 10.48
C LEU A 522 7.48 -17.13 9.66
N PRO A 523 7.08 -18.35 10.04
CA PRO A 523 7.45 -19.52 9.22
C PRO A 523 6.71 -19.59 7.89
N GLY A 524 5.40 -19.37 7.90
CA GLY A 524 4.64 -19.49 6.67
C GLY A 524 3.18 -19.09 6.81
N LYS A 525 2.29 -19.81 6.12
CA LYS A 525 0.87 -19.50 6.15
C LYS A 525 0.30 -19.87 7.51
N THR A 526 0.07 -18.88 8.36
CA THR A 526 -0.36 -19.11 9.73
C THR A 526 -1.37 -18.02 10.10
N PRO A 527 -2.28 -18.29 11.05
CA PRO A 527 -3.14 -17.22 11.57
C PRO A 527 -2.43 -16.27 12.52
N VAL A 528 -1.16 -16.54 12.87
CA VAL A 528 -0.39 -15.60 13.69
C VAL A 528 -0.15 -14.31 12.94
N TYR A 529 0.05 -14.40 11.61
CA TYR A 529 0.13 -13.21 10.77
C TYR A 529 -1.15 -12.39 10.86
N ALA A 530 -2.30 -13.07 10.83
CA ALA A 530 -3.59 -12.41 10.96
C ALA A 530 -3.72 -11.72 12.32
N GLU A 531 -3.28 -12.39 13.38
CA GLU A 531 -3.42 -11.84 14.72
C GLU A 531 -2.53 -10.62 14.92
N VAL A 532 -1.27 -10.68 14.46
CA VAL A 532 -0.40 -9.51 14.59
C VAL A 532 -0.89 -8.35 13.73
N LYS A 533 -1.45 -8.62 12.54
CA LYS A 533 -1.96 -7.53 11.73
C LYS A 533 -3.20 -6.89 12.36
N ARG A 534 -4.09 -7.71 12.92
CA ARG A 534 -5.27 -7.17 13.61
C ARG A 534 -4.87 -6.33 14.83
N VAL A 535 -3.95 -6.86 15.65
CA VAL A 535 -3.54 -6.15 16.85
C VAL A 535 -2.81 -4.85 16.49
N GLY A 536 -1.99 -4.88 15.45
CA GLY A 536 -1.29 -3.66 15.03
C GLY A 536 -2.20 -2.60 14.45
N ASP A 537 -3.19 -3.02 13.65
CA ASP A 537 -3.94 -2.05 12.85
C ASP A 537 -5.28 -1.63 13.43
N THR A 538 -5.85 -2.38 14.38
CA THR A 538 -7.16 -2.00 14.91
C THR A 538 -7.27 -2.04 16.43
N VAL A 539 -6.28 -2.57 17.15
CA VAL A 539 -6.41 -2.84 18.58
C VAL A 539 -5.38 -2.06 19.40
N LEU A 540 -4.12 -2.04 18.97
CA LEU A 540 -3.06 -1.32 19.67
C LEU A 540 -2.67 0.00 19.02
N GLY A 541 -2.38 0.00 17.71
CA GLY A 541 -2.06 1.25 17.07
C GLY A 541 -0.62 1.55 16.68
N MET A 542 0.07 0.58 16.09
CA MET A 542 1.35 0.85 15.43
C MET A 542 1.49 -0.06 14.23
N ALA A 543 2.38 0.34 13.33
CA ALA A 543 2.66 -0.44 12.13
C ALA A 543 3.40 -1.73 12.50
N THR A 544 3.13 -2.78 11.72
CA THR A 544 3.72 -4.10 11.95
C THR A 544 4.39 -4.58 10.67
N GLN A 545 5.58 -5.14 10.81
CA GLN A 545 6.36 -5.68 9.70
C GLN A 545 6.57 -7.17 9.88
N CYS A 546 6.28 -7.95 8.84
CA CYS A 546 6.45 -9.39 8.89
C CYS A 546 7.30 -9.86 7.71
N VAL A 547 8.18 -10.82 7.97
CA VAL A 547 9.07 -11.36 6.95
C VAL A 547 9.15 -12.87 7.13
N GLN A 548 9.13 -13.60 6.01
CA GLN A 548 9.13 -15.06 6.04
C GLN A 548 10.44 -15.60 6.61
N MET A 549 10.33 -16.80 7.19
CA MET A 549 11.47 -17.52 7.74
C MET A 549 12.56 -17.75 6.69
N LYS A 550 12.18 -18.21 5.50
CA LYS A 550 13.18 -18.65 4.52
C LYS A 550 13.98 -17.50 3.94
N ASN A 551 13.51 -16.26 4.06
CA ASN A 551 14.19 -15.09 3.52
C ASN A 551 15.04 -14.37 4.56
N VAL A 552 15.17 -14.93 5.75
CA VAL A 552 16.01 -14.38 6.82
C VAL A 552 17.26 -15.22 6.93
N GLN A 553 17.15 -16.51 6.61
CA GLN A 553 18.30 -17.42 6.68
C GLN A 553 19.36 -17.04 5.66
N ARG A 554 18.95 -16.87 4.41
CA ARG A 554 19.86 -16.56 3.31
C ARG A 554 19.38 -15.27 2.66
N THR A 555 20.05 -14.17 2.98
CA THR A 555 19.59 -12.83 2.63
C THR A 555 20.33 -12.36 1.38
N THR A 556 19.60 -12.25 0.27
CA THR A 556 20.11 -11.57 -0.90
C THR A 556 20.09 -10.07 -0.67
N PRO A 557 20.92 -9.30 -1.38
CA PRO A 557 20.86 -7.83 -1.24
C PRO A 557 19.52 -7.24 -1.62
N GLN A 558 18.82 -7.81 -2.62
CA GLN A 558 17.50 -7.33 -2.97
C GLN A 558 16.48 -7.61 -1.87
N THR A 559 16.66 -8.72 -1.14
CA THR A 559 15.81 -9.02 0.00
C THR A 559 15.89 -7.92 1.06
N LEU A 560 17.11 -7.58 1.45
CA LEU A 560 17.32 -6.53 2.44
C LEU A 560 16.89 -5.17 1.92
N SER A 561 17.06 -4.93 0.61
CA SER A 561 16.65 -3.65 0.03
C SER A 561 15.13 -3.47 0.11
N ASN A 562 14.38 -4.47 -0.37
CA ASN A 562 12.92 -4.38 -0.31
C ASN A 562 12.40 -4.36 1.12
N LEU A 563 13.02 -5.17 1.99
CA LEU A 563 12.65 -5.15 3.40
C LEU A 563 12.86 -3.78 4.02
N CYS A 564 14.02 -3.17 3.76
CA CYS A 564 14.33 -1.87 4.36
C CYS A 564 13.45 -0.76 3.80
N LEU A 565 13.04 -0.85 2.53
CA LEU A 565 12.04 0.09 2.03
C LEU A 565 10.73 -0.04 2.80
N LYS A 566 10.29 -1.28 3.05
CA LYS A 566 9.06 -1.46 3.83
C LYS A 566 9.22 -0.95 5.25
N ILE A 567 10.39 -1.18 5.86
CA ILE A 567 10.65 -0.69 7.22
C ILE A 567 10.56 0.83 7.26
N ASN A 568 11.23 1.48 6.30
CA ASN A 568 11.28 2.94 6.26
C ASN A 568 9.90 3.54 6.02
N VAL A 569 9.10 2.92 5.15
CA VAL A 569 7.77 3.47 4.92
C VAL A 569 6.80 3.13 6.05
N LYS A 570 7.09 2.11 6.86
CA LYS A 570 6.22 1.79 7.98
C LYS A 570 6.57 2.56 9.24
N LEU A 571 7.78 3.11 9.33
CA LEU A 571 8.09 4.03 10.43
C LEU A 571 7.25 5.29 10.31
N GLY A 572 7.09 5.81 9.11
CA GLY A 572 6.37 7.05 8.89
C GLY A 572 7.13 8.01 8.00
N GLY A 573 8.35 7.61 7.61
CA GLY A 573 9.17 8.41 6.73
C GLY A 573 8.84 8.14 5.27
N VAL A 574 9.62 8.79 4.39
CA VAL A 574 9.45 8.68 2.96
C VAL A 574 10.63 7.91 2.39
N ASN A 575 10.34 6.84 1.64
CA ASN A 575 11.40 6.06 1.02
C ASN A 575 12.12 6.87 -0.05
N ASN A 576 11.37 7.33 -1.06
CA ASN A 576 11.94 8.14 -2.12
C ASN A 576 10.82 8.89 -2.82
N ILE A 577 10.94 10.22 -2.90
CA ILE A 577 10.06 11.00 -3.75
C ILE A 577 10.56 10.85 -5.18
N LEU A 578 9.71 11.17 -6.14
CA LEU A 578 10.04 10.99 -7.54
C LEU A 578 10.40 12.34 -8.15
N LEU A 579 10.56 12.37 -9.47
CA LEU A 579 11.12 13.53 -10.16
C LEU A 579 10.17 14.71 -10.11
N PRO A 580 10.55 15.82 -9.46
CA PRO A 580 9.60 16.94 -9.32
C PRO A 580 9.36 17.69 -10.62
N GLN A 581 10.39 17.89 -11.42
CA GLN A 581 10.22 18.47 -12.75
C GLN A 581 9.63 17.49 -13.74
N GLY A 582 9.67 16.19 -13.44
CA GLY A 582 9.10 15.18 -14.30
C GLY A 582 7.76 14.68 -13.81
N ARG A 583 7.33 15.14 -12.64
CA ARG A 583 6.05 14.73 -12.11
C ARG A 583 4.91 15.41 -12.89
N PRO A 584 3.75 14.78 -12.96
CA PRO A 584 2.60 15.38 -13.67
C PRO A 584 2.15 16.66 -13.00
N PRO A 585 1.51 17.58 -13.74
CA PRO A 585 1.13 18.88 -13.15
C PRO A 585 0.02 18.79 -12.11
N VAL A 586 -0.58 17.62 -11.89
CA VAL A 586 -1.55 17.43 -10.83
C VAL A 586 -0.93 17.72 -9.47
N PHE A 587 0.37 17.48 -9.32
CA PHE A 587 1.10 17.79 -8.10
C PHE A 587 1.33 19.28 -7.89
N GLN A 588 0.98 20.12 -8.86
CA GLN A 588 1.08 21.57 -8.67
C GLN A 588 0.13 22.09 -7.60
N GLN A 589 -0.93 21.34 -7.29
CA GLN A 589 -1.87 21.64 -6.23
C GLN A 589 -1.94 20.45 -5.27
N PRO A 590 -2.28 20.67 -4.00
CA PRO A 590 -2.45 19.54 -3.08
C PRO A 590 -3.64 18.68 -3.50
N VAL A 591 -3.35 17.41 -3.79
CA VAL A 591 -4.32 16.50 -4.39
C VAL A 591 -4.34 15.21 -3.58
N ILE A 592 -5.39 14.41 -3.80
CA ILE A 592 -5.50 13.16 -3.06
C ILE A 592 -5.70 12.00 -4.03
N PHE A 593 -5.10 10.87 -3.68
CA PHE A 593 -5.32 9.59 -4.36
C PHE A 593 -5.94 8.64 -3.37
N LEU A 594 -7.08 8.07 -3.74
CA LEU A 594 -7.84 7.14 -2.93
C LEU A 594 -7.96 5.83 -3.68
N GLY A 595 -7.87 4.73 -2.94
CA GLY A 595 -8.08 3.41 -3.50
C GLY A 595 -9.16 2.70 -2.71
N ALA A 596 -9.92 1.86 -3.40
CA ALA A 596 -10.99 1.11 -2.77
C ALA A 596 -10.98 -0.33 -3.24
N ASP A 597 -11.25 -1.23 -2.30
CA ASP A 597 -11.23 -2.68 -2.63
C ASP A 597 -12.27 -3.45 -1.80
N VAL A 598 -13.02 -4.36 -2.43
CA VAL A 598 -14.00 -5.21 -1.79
C VAL A 598 -13.54 -6.65 -1.93
N THR A 599 -13.36 -7.35 -0.82
CA THR A 599 -12.98 -8.75 -0.80
C THR A 599 -14.17 -9.55 -0.25
N HIS A 600 -14.84 -10.27 -1.15
CA HIS A 600 -16.08 -10.94 -0.82
C HIS A 600 -15.84 -12.13 0.12
N PRO A 601 -16.87 -12.53 0.87
CA PRO A 601 -16.74 -13.75 1.67
C PRO A 601 -16.62 -14.96 0.77
N PRO A 602 -15.97 -16.03 1.26
CA PRO A 602 -15.84 -17.24 0.44
C PRO A 602 -17.18 -17.92 0.20
N ALA A 603 -17.25 -18.64 -0.91
CA ALA A 603 -18.49 -19.29 -1.32
C ALA A 603 -18.88 -20.40 -0.36
N GLY A 604 -20.19 -20.59 -0.19
CA GLY A 604 -20.72 -21.54 0.75
C GLY A 604 -20.98 -20.99 2.13
N ASP A 605 -20.60 -19.75 2.40
CA ASP A 605 -20.81 -19.11 3.70
C ASP A 605 -21.74 -17.92 3.50
N GLY A 606 -22.92 -17.98 4.10
CA GLY A 606 -23.93 -16.95 3.94
C GLY A 606 -24.07 -15.99 5.10
N LYS A 607 -23.12 -15.97 6.04
CA LYS A 607 -23.21 -15.09 7.19
C LYS A 607 -22.01 -14.17 7.37
N LYS A 608 -20.91 -14.42 6.65
CA LYS A 608 -19.74 -13.56 6.77
C LYS A 608 -19.99 -12.22 6.08
N PRO A 609 -19.52 -11.12 6.64
CA PRO A 609 -19.73 -9.81 6.03
C PRO A 609 -18.67 -9.47 4.99
N SER A 610 -19.09 -8.67 4.01
CA SER A 610 -18.15 -8.23 2.99
C SER A 610 -17.30 -7.06 3.50
N ILE A 611 -16.29 -6.71 2.73
CA ILE A 611 -15.25 -5.78 3.16
C ILE A 611 -15.29 -4.55 2.24
N ALA A 612 -15.13 -3.36 2.84
CA ALA A 612 -15.12 -2.10 2.10
C ALA A 612 -13.91 -1.31 2.57
N ALA A 613 -12.81 -1.38 1.83
CA ALA A 613 -11.53 -0.82 2.25
C ALA A 613 -11.18 0.40 1.40
N VAL A 614 -10.78 1.49 2.03
CA VAL A 614 -10.42 2.72 1.34
C VAL A 614 -9.09 3.24 1.89
N VAL A 615 -8.24 3.72 0.99
CA VAL A 615 -6.96 4.35 1.29
C VAL A 615 -6.96 5.71 0.63
N GLY A 616 -6.14 6.61 1.14
CA GLY A 616 -6.04 7.95 0.60
C GLY A 616 -4.79 8.68 1.02
N SER A 617 -4.23 9.50 0.14
CA SER A 617 -2.94 10.14 0.39
C SER A 617 -3.08 11.24 1.44
N MET A 618 -1.92 11.65 1.98
CA MET A 618 -1.90 12.77 2.91
C MET A 618 -0.69 13.68 2.72
N ASP A 619 0.06 13.51 1.62
CA ASP A 619 1.25 14.31 1.38
C ASP A 619 1.27 14.77 -0.07
N ALA A 620 2.18 15.71 -0.36
CA ALA A 620 2.36 16.18 -1.73
C ALA A 620 2.96 15.10 -2.61
N HIS A 621 4.15 14.61 -2.24
CA HIS A 621 4.70 13.42 -2.88
C HIS A 621 3.87 12.21 -2.46
N PRO A 622 3.50 11.33 -3.39
CA PRO A 622 2.51 10.29 -3.08
C PRO A 622 3.07 9.11 -2.30
N ASN A 623 3.86 9.35 -1.27
CA ASN A 623 4.50 8.28 -0.53
C ASN A 623 3.78 7.92 0.76
N ARG A 624 3.01 8.86 1.34
CA ARG A 624 2.32 8.64 2.60
C ARG A 624 0.83 8.56 2.36
N TYR A 625 0.20 7.51 2.89
CA TYR A 625 -1.21 7.25 2.71
C TYR A 625 -1.87 7.05 4.08
N CYS A 626 -3.16 6.79 4.05
CA CYS A 626 -3.99 6.77 5.25
C CYS A 626 -5.27 6.01 4.93
N ALA A 627 -5.56 4.96 5.69
CA ALA A 627 -6.58 4.00 5.28
C ALA A 627 -7.51 3.62 6.42
N THR A 628 -8.68 3.14 6.04
CA THR A 628 -9.62 2.51 6.97
C THR A 628 -10.59 1.65 6.18
N VAL A 629 -11.26 0.75 6.89
CA VAL A 629 -12.11 -0.27 6.29
C VAL A 629 -13.36 -0.46 7.14
N ARG A 630 -14.49 -0.73 6.48
CA ARG A 630 -15.73 -1.05 7.17
C ARG A 630 -16.38 -2.26 6.54
N VAL A 631 -17.08 -3.05 7.37
CA VAL A 631 -17.75 -4.26 6.88
C VAL A 631 -19.09 -3.86 6.25
N GLN A 632 -19.70 -4.79 5.53
CA GLN A 632 -20.97 -4.55 4.86
C GLN A 632 -21.67 -5.88 4.62
N GLN A 633 -22.80 -5.82 3.90
CA GLN A 633 -23.63 -7.03 3.66
C GLN A 633 -22.81 -8.15 2.99
N HIS A 634 -23.07 -9.41 3.35
CA HIS A 634 -22.36 -10.56 2.74
C HIS A 634 -22.24 -10.37 1.23
N ARG A 635 -21.01 -10.42 0.70
CA ARG A 635 -20.78 -10.30 -0.77
C ARG A 635 -21.52 -9.08 -1.33
N GLN A 636 -21.34 -7.90 -0.72
CA GLN A 636 -21.95 -6.66 -1.29
C GLN A 636 -20.89 -6.01 -2.20
N GLU A 637 -21.21 -5.79 -3.47
CA GLU A 637 -20.21 -5.24 -4.42
C GLU A 637 -19.98 -3.75 -4.13
N ILE A 638 -21.05 -3.00 -3.87
CA ILE A 638 -20.91 -1.57 -3.64
C ILE A 638 -20.27 -1.32 -2.28
N ILE A 639 -19.86 -0.08 -2.05
CA ILE A 639 -19.28 0.32 -0.78
C ILE A 639 -20.41 0.88 0.07
N GLN A 640 -20.55 0.37 1.30
CA GLN A 640 -21.72 0.71 2.12
C GLN A 640 -21.68 2.15 2.59
N ASP A 641 -20.58 2.56 3.21
CA ASP A 641 -20.53 3.84 3.91
C ASP A 641 -19.35 4.68 3.43
N LEU A 642 -19.23 4.86 2.11
CA LEU A 642 -18.10 5.58 1.54
C LEU A 642 -18.02 7.02 2.01
N ALA A 643 -19.17 7.63 2.33
CA ALA A 643 -19.18 9.03 2.77
C ALA A 643 -18.42 9.21 4.07
N ALA A 644 -18.64 8.32 5.04
CA ALA A 644 -18.02 8.48 6.36
C ALA A 644 -16.50 8.34 6.30
N MET A 645 -16.01 7.28 5.65
CA MET A 645 -14.57 7.09 5.64
C MET A 645 -13.86 8.02 4.66
N VAL A 646 -14.51 8.41 3.55
CA VAL A 646 -13.89 9.39 2.67
C VAL A 646 -13.84 10.76 3.35
N ARG A 647 -14.86 11.12 4.14
CA ARG A 647 -14.79 12.34 4.93
C ARG A 647 -13.70 12.26 5.99
N GLU A 648 -13.50 11.08 6.60
CA GLU A 648 -12.41 10.90 7.54
C GLU A 648 -11.04 11.08 6.86
N LEU A 649 -10.88 10.52 5.67
CA LEU A 649 -9.63 10.70 4.93
C LEU A 649 -9.43 12.14 4.51
N LEU A 650 -10.53 12.84 4.18
CA LEU A 650 -10.43 14.24 3.78
C LEU A 650 -10.02 15.14 4.94
N ILE A 651 -10.59 14.92 6.13
CA ILE A 651 -10.17 15.72 7.27
C ILE A 651 -8.76 15.34 7.72
N GLN A 652 -8.36 14.08 7.54
CA GLN A 652 -6.96 13.72 7.79
C GLN A 652 -6.02 14.41 6.82
N PHE A 653 -6.43 14.52 5.55
CA PHE A 653 -5.64 15.23 4.55
C PHE A 653 -5.54 16.72 4.89
N TYR A 654 -6.62 17.32 5.36
CA TYR A 654 -6.59 18.72 5.77
C TYR A 654 -5.71 18.94 6.98
N LYS A 655 -5.70 17.99 7.92
CA LYS A 655 -4.79 18.05 9.06
C LYS A 655 -3.34 17.93 8.58
N SER A 656 -3.08 17.03 7.63
CA SER A 656 -1.70 16.72 7.25
C SER A 656 -1.09 17.80 6.37
N THR A 657 -1.67 18.04 5.19
CA THR A 657 -1.06 18.95 4.23
C THR A 657 -1.49 20.40 4.42
N ARG A 658 -2.45 20.67 5.31
CA ARG A 658 -2.90 22.02 5.66
C ARG A 658 -3.46 22.74 4.42
N PHE A 659 -4.19 22.00 3.60
CA PHE A 659 -4.79 22.53 2.38
C PHE A 659 -5.88 21.56 1.92
N LYS A 660 -7.00 22.10 1.45
CA LYS A 660 -8.05 21.26 0.91
C LYS A 660 -7.69 20.78 -0.50
N PRO A 661 -8.06 19.54 -0.86
CA PRO A 661 -7.73 19.04 -2.19
C PRO A 661 -8.42 19.78 -3.30
N THR A 662 -7.73 19.91 -4.42
CA THR A 662 -8.32 20.39 -5.67
C THR A 662 -8.73 19.25 -6.58
N ARG A 663 -7.89 18.23 -6.70
CA ARG A 663 -8.20 17.04 -7.48
C ARG A 663 -8.14 15.80 -6.58
N ILE A 664 -9.15 14.94 -6.72
CA ILE A 664 -9.14 13.64 -6.04
C ILE A 664 -9.26 12.56 -7.12
N ILE A 665 -8.56 11.46 -6.88
CA ILE A 665 -8.51 10.33 -7.82
C ILE A 665 -9.00 9.10 -7.07
N PHE A 666 -9.82 8.29 -7.73
CA PHE A 666 -10.44 7.12 -7.11
C PHE A 666 -10.11 5.86 -7.91
N TYR A 667 -9.37 4.94 -7.30
CA TYR A 667 -9.00 3.67 -7.90
C TYR A 667 -9.96 2.60 -7.39
N ARG A 668 -10.46 1.76 -8.29
CA ARG A 668 -11.43 0.73 -7.94
C ARG A 668 -10.80 -0.64 -8.13
N ALA A 669 -11.03 -1.54 -7.17
CA ALA A 669 -10.49 -2.89 -7.26
C ALA A 669 -11.48 -3.88 -6.65
N GLY A 670 -11.30 -5.14 -7.02
CA GLY A 670 -12.17 -6.20 -6.53
C GLY A 670 -13.59 -6.10 -7.00
N VAL A 671 -13.81 -5.61 -8.22
CA VAL A 671 -15.15 -5.43 -8.78
C VAL A 671 -15.21 -6.13 -10.12
N SER A 672 -16.24 -6.97 -10.30
CA SER A 672 -16.42 -7.68 -11.56
C SER A 672 -16.81 -6.70 -12.67
N GLU A 673 -16.53 -7.11 -13.92
CA GLU A 673 -16.75 -6.23 -15.06
C GLU A 673 -18.23 -5.99 -15.34
N GLY A 674 -19.09 -6.91 -14.93
CA GLY A 674 -20.51 -6.81 -15.25
C GLY A 674 -21.33 -5.91 -14.37
N GLN A 675 -20.73 -5.26 -13.37
CA GLN A 675 -21.49 -4.42 -12.45
C GLN A 675 -20.75 -3.11 -12.13
N PHE A 676 -19.99 -2.60 -13.10
CA PHE A 676 -19.22 -1.38 -12.89
C PHE A 676 -20.13 -0.20 -12.56
N GLN A 677 -21.20 -0.02 -13.35
CA GLN A 677 -22.16 1.03 -13.05
C GLN A 677 -22.82 0.81 -11.70
N GLN A 678 -22.92 -0.44 -11.26
CA GLN A 678 -23.50 -0.73 -9.95
C GLN A 678 -22.64 -0.14 -8.83
N VAL A 679 -21.32 -0.11 -9.02
CA VAL A 679 -20.48 0.54 -8.01
C VAL A 679 -20.15 1.97 -8.39
N LEU A 680 -20.76 2.51 -9.45
CA LEU A 680 -20.50 3.90 -9.79
C LEU A 680 -21.52 4.83 -9.15
N HIS A 681 -22.80 4.66 -9.53
CA HIS A 681 -23.85 5.63 -9.21
C HIS A 681 -24.04 5.82 -7.72
N HIS A 682 -23.81 4.77 -6.93
CA HIS A 682 -23.78 4.94 -5.49
C HIS A 682 -22.51 5.67 -5.05
N GLU A 683 -21.35 5.07 -5.35
CA GLU A 683 -20.12 5.41 -4.63
C GLU A 683 -19.68 6.84 -4.90
N LEU A 684 -19.71 7.25 -6.17
CA LEU A 684 -19.39 8.63 -6.54
C LEU A 684 -20.29 9.60 -5.80
N LEU A 685 -21.60 9.29 -5.76
CA LEU A 685 -22.55 10.11 -5.02
C LEU A 685 -22.21 10.12 -3.53
N ALA A 686 -21.79 8.95 -3.01
CA ALA A 686 -21.37 8.88 -1.62
C ALA A 686 -20.14 9.76 -1.39
N ILE A 687 -19.24 9.82 -2.38
CA ILE A 687 -18.11 10.73 -2.30
C ILE A 687 -18.60 12.17 -2.23
N ARG A 688 -19.61 12.50 -3.04
CA ARG A 688 -20.24 13.81 -2.93
C ARG A 688 -20.89 13.99 -1.56
N GLU A 689 -21.48 12.92 -1.03
CA GLU A 689 -22.04 12.98 0.32
C GLU A 689 -20.95 13.17 1.36
N ALA A 690 -19.72 12.75 1.05
CA ALA A 690 -18.59 13.07 1.92
C ALA A 690 -18.15 14.52 1.77
N CYS A 691 -18.30 15.09 0.57
CA CYS A 691 -17.71 16.39 0.29
C CYS A 691 -18.67 17.55 0.61
N ILE A 692 -19.95 17.38 0.32
CA ILE A 692 -20.94 18.42 0.61
C ILE A 692 -21.15 18.54 2.11
N LYS A 693 -21.20 17.41 2.81
CA LYS A 693 -21.46 17.41 4.25
C LYS A 693 -20.29 17.94 5.07
N LEU A 694 -19.11 18.12 4.47
CA LEU A 694 -17.96 18.62 5.23
C LEU A 694 -17.98 20.14 5.33
N GLU A 695 -17.94 20.83 4.18
CA GLU A 695 -17.91 22.28 4.11
C GLU A 695 -18.92 22.78 3.11
N LYS A 696 -19.31 24.04 3.27
CA LYS A 696 -20.26 24.66 2.35
C LYS A 696 -19.58 25.02 1.04
N ASP A 697 -20.29 24.78 -0.07
CA ASP A 697 -19.80 25.02 -1.43
C ASP A 697 -18.48 24.28 -1.70
N TYR A 698 -18.41 23.05 -1.22
CA TYR A 698 -17.19 22.23 -1.31
C TYR A 698 -17.42 21.21 -2.41
N GLN A 699 -16.90 21.49 -3.60
CA GLN A 699 -17.09 20.63 -4.77
C GLN A 699 -15.78 20.47 -5.53
N PRO A 700 -14.92 19.54 -5.10
CA PRO A 700 -13.73 19.21 -5.89
C PRO A 700 -14.08 18.22 -7.00
N GLY A 701 -13.12 18.04 -7.91
CA GLY A 701 -13.31 17.12 -9.01
C GLY A 701 -12.96 15.69 -8.63
N ILE A 702 -13.78 14.75 -9.11
CA ILE A 702 -13.65 13.34 -8.78
C ILE A 702 -13.53 12.53 -10.07
N THR A 703 -12.49 11.71 -10.15
CA THR A 703 -12.32 10.77 -11.25
C THR A 703 -12.66 9.37 -10.75
N PHE A 704 -13.22 8.55 -11.63
CA PHE A 704 -13.51 7.15 -11.31
C PHE A 704 -12.84 6.25 -12.36
N ILE A 705 -11.75 5.60 -11.96
CA ILE A 705 -11.09 4.60 -12.79
C ILE A 705 -11.01 3.31 -12.00
N VAL A 706 -10.95 2.19 -12.73
CA VAL A 706 -11.07 0.86 -12.13
C VAL A 706 -9.85 0.03 -12.50
N VAL A 707 -9.33 -0.70 -11.51
CA VAL A 707 -8.10 -1.52 -11.74
C VAL A 707 -8.45 -3.00 -11.49
N GLN A 708 -7.92 -3.90 -12.32
CA GLN A 708 -8.13 -5.36 -12.09
C GLN A 708 -6.86 -6.12 -12.54
N LYS A 709 -6.18 -6.79 -11.60
CA LYS A 709 -4.91 -7.49 -11.94
C LYS A 709 -5.14 -8.46 -13.10
N ARG A 710 -6.36 -8.49 -13.65
CA ARG A 710 -6.67 -9.36 -14.81
C ARG A 710 -5.54 -9.23 -15.85
N ARG A 723 10.67 -10.17 -26.28
CA ARG A 723 10.36 -8.79 -25.96
C ARG A 723 11.23 -8.28 -24.82
N VAL A 724 10.87 -8.68 -23.60
CA VAL A 724 11.59 -8.28 -22.38
C VAL A 724 12.09 -9.54 -21.69
N GLY A 725 13.40 -9.59 -21.45
CA GLY A 725 13.99 -10.72 -20.76
C GLY A 725 13.99 -11.99 -21.59
N LYS A 726 14.27 -13.10 -20.89
CA LYS A 726 14.26 -14.41 -21.53
C LYS A 726 12.84 -14.91 -21.76
N SER A 727 11.91 -14.60 -20.86
CA SER A 727 10.54 -15.07 -20.97
C SER A 727 9.78 -14.41 -22.11
N GLY A 728 10.25 -13.27 -22.62
CA GLY A 728 9.56 -12.56 -23.68
C GLY A 728 8.22 -11.99 -23.26
N ASN A 729 8.14 -11.44 -22.05
CA ASN A 729 6.92 -10.82 -21.56
C ASN A 729 6.79 -9.40 -22.11
N ILE A 730 5.57 -8.89 -22.06
CA ILE A 730 5.27 -7.56 -22.61
C ILE A 730 5.99 -6.49 -21.78
N PRO A 731 6.51 -5.42 -22.38
CA PRO A 731 7.13 -4.35 -21.59
C PRO A 731 6.09 -3.55 -20.82
N ALA A 732 6.57 -2.90 -19.76
CA ALA A 732 5.71 -2.11 -18.90
C ALA A 732 5.25 -0.84 -19.62
N GLY A 733 3.96 -0.55 -19.52
CA GLY A 733 3.39 0.63 -20.14
C GLY A 733 2.82 0.43 -21.53
N THR A 734 2.68 -0.82 -22.00
CA THR A 734 2.25 -1.08 -23.37
C THR A 734 0.80 -0.66 -23.57
N THR A 735 0.57 0.14 -24.62
CA THR A 735 -0.74 0.73 -24.90
C THR A 735 -1.32 0.05 -26.13
N VAL A 736 -2.54 -0.46 -26.01
CA VAL A 736 -3.28 -1.05 -27.13
C VAL A 736 -4.76 -0.88 -26.86
N ASP A 737 -5.50 -0.38 -27.86
CA ASP A 737 -6.91 -0.09 -27.71
C ASP A 737 -7.79 -0.87 -28.69
N THR A 738 -7.29 -1.98 -29.24
CA THR A 738 -8.03 -2.74 -30.22
C THR A 738 -7.86 -4.23 -29.96
N LYS A 739 -8.76 -5.02 -30.57
CA LYS A 739 -8.74 -6.48 -30.66
C LYS A 739 -8.89 -7.18 -29.31
N ILE A 740 -9.20 -6.47 -28.24
CA ILE A 740 -9.44 -7.08 -26.94
C ILE A 740 -10.83 -6.76 -26.39
N THR A 741 -11.28 -5.51 -26.51
CA THR A 741 -12.55 -5.10 -25.94
C THR A 741 -13.49 -4.57 -27.02
N HIS A 742 -14.63 -4.01 -26.59
CA HIS A 742 -15.63 -3.52 -27.53
C HIS A 742 -15.12 -2.27 -28.24
N PRO A 743 -15.41 -2.13 -29.53
CA PRO A 743 -15.07 -0.87 -30.23
C PRO A 743 -15.78 0.34 -29.68
N THR A 744 -17.00 0.17 -29.17
CA THR A 744 -17.71 1.27 -28.51
C THR A 744 -17.22 1.41 -27.07
N GLU A 745 -17.83 2.37 -26.36
CA GLU A 745 -17.56 2.70 -24.95
C GLU A 745 -16.14 3.26 -24.80
N PHE A 746 -15.79 3.76 -23.61
CA PHE A 746 -14.43 4.25 -23.38
C PHE A 746 -13.42 3.11 -23.51
N ASP A 747 -13.50 2.15 -22.57
CA ASP A 747 -12.73 0.89 -22.62
C ASP A 747 -11.23 1.13 -22.81
N PHE A 748 -10.68 2.07 -22.03
CA PHE A 748 -9.28 2.46 -22.20
C PHE A 748 -8.37 1.35 -21.68
N TYR A 749 -7.91 0.49 -22.59
CA TYR A 749 -7.25 -0.76 -22.24
C TYR A 749 -5.75 -0.49 -22.04
N LEU A 750 -5.32 -0.41 -20.79
CA LEU A 750 -3.93 -0.07 -20.47
C LEU A 750 -3.38 -1.00 -19.41
N CYS A 751 -2.05 -1.18 -19.43
CA CYS A 751 -1.33 -1.93 -18.42
C CYS A 751 0.03 -1.26 -18.23
N SER A 752 0.61 -1.45 -17.04
CA SER A 752 1.83 -0.73 -16.66
C SER A 752 2.80 -1.65 -15.91
N HIS A 753 3.02 -2.87 -16.44
CA HIS A 753 3.92 -3.79 -15.78
C HIS A 753 4.53 -4.75 -16.78
N ALA A 754 5.76 -5.18 -16.51
CA ALA A 754 6.46 -6.18 -17.31
C ALA A 754 6.68 -7.43 -16.47
N GLY A 755 6.31 -8.58 -17.02
CA GLY A 755 6.46 -9.83 -16.30
C GLY A 755 7.91 -10.28 -16.21
N ILE A 756 8.14 -11.24 -15.32
CA ILE A 756 9.49 -11.77 -15.10
C ILE A 756 9.66 -13.08 -15.85
N GLN A 757 8.89 -14.09 -15.47
CA GLN A 757 8.99 -15.43 -16.03
C GLN A 757 7.60 -15.94 -16.40
N GLY A 758 7.56 -16.85 -17.38
CA GLY A 758 6.32 -17.45 -17.79
C GLY A 758 5.47 -16.57 -18.68
N THR A 759 4.24 -16.31 -18.25
CA THR A 759 3.30 -15.51 -19.02
C THR A 759 3.06 -14.18 -18.32
N SER A 760 2.54 -13.21 -19.07
CA SER A 760 2.32 -11.87 -18.57
C SER A 760 0.82 -11.57 -18.55
N ARG A 761 0.27 -11.44 -17.35
CA ARG A 761 -1.15 -11.00 -17.19
C ARG A 761 -1.00 -9.96 -16.07
N PRO A 762 -0.49 -8.74 -16.35
CA PRO A 762 -0.12 -7.81 -15.28
C PRO A 762 -1.28 -7.19 -14.49
N SER A 763 -2.15 -6.45 -15.16
CA SER A 763 -3.19 -5.64 -14.54
C SER A 763 -4.05 -5.07 -15.65
N HIS A 764 -5.08 -4.33 -15.25
CA HIS A 764 -6.04 -3.83 -16.25
C HIS A 764 -6.67 -2.55 -15.67
N TYR A 765 -6.21 -1.41 -16.14
CA TYR A 765 -6.76 -0.11 -15.74
C TYR A 765 -7.77 0.33 -16.80
N HIS A 766 -8.92 0.83 -16.38
CA HIS A 766 -9.94 1.32 -17.28
C HIS A 766 -10.50 2.63 -16.75
N VAL A 767 -10.71 3.58 -17.68
CA VAL A 767 -11.24 4.90 -17.37
C VAL A 767 -12.72 4.92 -17.73
N LEU A 768 -13.57 5.32 -16.78
CA LEU A 768 -14.99 5.36 -17.09
C LEU A 768 -15.36 6.65 -17.82
N TRP A 769 -15.29 7.80 -17.14
CA TRP A 769 -15.26 9.07 -17.86
C TRP A 769 -14.29 10.07 -17.24
N ASP A 770 -14.22 10.08 -15.91
CA ASP A 770 -13.48 11.04 -15.07
C ASP A 770 -14.00 12.48 -15.21
N ASP A 771 -13.58 13.35 -14.29
CA ASP A 771 -14.05 14.73 -14.25
C ASP A 771 -12.92 15.75 -14.11
N ASN A 772 -11.76 15.37 -13.58
CA ASN A 772 -10.64 16.30 -13.40
C ASN A 772 -9.92 16.62 -14.70
N ARG A 773 -10.45 16.13 -15.84
CA ARG A 773 -9.86 16.22 -17.17
C ARG A 773 -8.45 15.65 -17.17
N PHE A 774 -8.26 14.51 -16.51
CA PHE A 774 -7.00 13.80 -16.55
C PHE A 774 -6.76 13.28 -17.96
N SER A 775 -5.77 13.84 -18.64
CA SER A 775 -5.44 13.37 -19.99
C SER A 775 -4.81 12.00 -19.92
N SER A 776 -4.86 11.29 -21.05
CA SER A 776 -4.43 9.90 -21.10
C SER A 776 -2.94 9.75 -20.81
N ASP A 777 -2.12 10.63 -21.38
CA ASP A 777 -0.69 10.59 -21.12
C ASP A 777 -0.36 10.95 -19.68
N GLU A 778 -1.05 11.96 -19.13
CA GLU A 778 -0.81 12.35 -17.75
C GLU A 778 -1.28 11.28 -16.76
N LEU A 779 -2.43 10.65 -17.04
CA LEU A 779 -2.92 9.60 -16.16
C LEU A 779 -2.04 8.35 -16.24
N GLN A 780 -1.54 8.03 -17.45
CA GLN A 780 -0.63 6.90 -17.58
C GLN A 780 0.71 7.19 -16.90
N ILE A 781 1.18 8.43 -16.99
CA ILE A 781 2.37 8.85 -16.26
C ILE A 781 2.13 8.70 -14.77
N LEU A 782 0.95 9.10 -14.28
CA LEU A 782 0.64 9.03 -12.87
C LEU A 782 0.57 7.59 -12.37
N THR A 783 -0.04 6.69 -13.15
CA THR A 783 -0.15 5.32 -12.69
C THR A 783 1.19 4.59 -12.77
N TYR A 784 2.04 4.93 -13.75
CA TYR A 784 3.39 4.39 -13.77
C TYR A 784 4.21 4.93 -12.58
N GLN A 785 4.04 6.21 -12.27
CA GLN A 785 4.73 6.81 -11.13
C GLN A 785 4.32 6.15 -9.82
N LEU A 786 3.01 5.92 -9.64
CA LEU A 786 2.54 5.23 -8.45
C LEU A 786 2.96 3.76 -8.43
N CYS A 787 3.11 3.12 -9.60
CA CYS A 787 3.70 1.79 -9.64
C CYS A 787 5.15 1.82 -9.16
N HIS A 788 5.90 2.86 -9.54
CA HIS A 788 7.22 3.07 -8.96
C HIS A 788 7.17 3.61 -7.54
N THR A 789 6.03 4.19 -7.13
CA THR A 789 5.87 4.66 -5.77
C THR A 789 5.38 3.52 -4.85
N TYR A 790 5.38 2.29 -5.37
CA TYR A 790 5.18 1.12 -4.53
C TYR A 790 6.34 1.01 -3.56
N VAL A 791 6.02 1.01 -2.27
CA VAL A 791 7.01 1.14 -1.22
C VAL A 791 7.38 -0.21 -0.59
N ARG A 792 7.18 -1.30 -1.33
CA ARG A 792 7.51 -2.63 -0.83
C ARG A 792 8.66 -3.28 -1.58
N CYS A 793 9.07 -2.74 -2.72
CA CYS A 793 10.15 -3.33 -3.51
C CYS A 793 10.74 -2.27 -4.43
N THR A 794 11.92 -2.57 -4.96
CA THR A 794 12.57 -1.71 -5.95
C THR A 794 12.12 -2.08 -7.37
N ARG A 795 10.80 -2.21 -7.58
CA ARG A 795 10.30 -2.64 -8.88
C ARG A 795 9.03 -1.88 -9.23
N SER A 796 8.85 -1.62 -10.52
CA SER A 796 7.54 -1.24 -11.04
C SER A 796 6.64 -2.47 -10.99
N VAL A 797 5.39 -2.27 -10.58
CA VAL A 797 4.53 -3.40 -10.25
C VAL A 797 3.25 -3.38 -11.09
N SER A 798 2.36 -4.33 -10.81
CA SER A 798 1.20 -4.55 -11.67
C SER A 798 0.16 -3.45 -11.52
N ILE A 799 -0.41 -3.32 -10.32
CA ILE A 799 -1.46 -2.34 -10.06
C ILE A 799 -0.79 -1.17 -9.33
N PRO A 800 -1.37 0.04 -9.33
CA PRO A 800 -0.68 1.19 -8.71
C PRO A 800 -0.55 1.03 -7.21
N ALA A 801 0.17 1.98 -6.61
CA ALA A 801 0.32 1.98 -5.15
C ALA A 801 -0.99 2.11 -4.41
N PRO A 802 -1.88 3.10 -4.67
CA PRO A 802 -3.15 3.13 -3.91
C PRO A 802 -4.04 1.94 -4.16
N ALA A 803 -4.03 1.38 -5.37
CA ALA A 803 -4.76 0.14 -5.62
C ALA A 803 -4.19 -1.02 -4.81
N TYR A 804 -2.86 -1.10 -4.72
CA TYR A 804 -2.22 -2.11 -3.89
C TYR A 804 -2.55 -1.92 -2.41
N TYR A 805 -2.61 -0.67 -1.97
CA TYR A 805 -2.93 -0.40 -0.57
C TYR A 805 -4.38 -0.75 -0.28
N ALA A 806 -5.28 -0.48 -1.22
CA ALA A 806 -6.67 -0.89 -1.05
C ALA A 806 -6.80 -2.41 -0.99
N HIS A 807 -6.09 -3.10 -1.89
CA HIS A 807 -6.09 -4.57 -1.90
C HIS A 807 -5.56 -5.13 -0.59
N LEU A 808 -4.44 -4.60 -0.10
CA LEU A 808 -3.84 -5.17 1.08
C LEU A 808 -4.56 -4.74 2.35
N VAL A 809 -5.17 -3.55 2.37
CA VAL A 809 -6.00 -3.16 3.51
C VAL A 809 -7.27 -3.99 3.57
N ALA A 810 -7.85 -4.32 2.40
CA ALA A 810 -8.95 -5.28 2.37
C ALA A 810 -8.50 -6.65 2.87
N PHE A 811 -7.28 -7.06 2.51
CA PHE A 811 -6.72 -8.30 3.06
C PHE A 811 -6.57 -8.23 4.57
N ARG A 812 -6.10 -7.08 5.09
CA ARG A 812 -5.97 -6.90 6.54
C ARG A 812 -7.34 -6.99 7.21
N ALA A 813 -8.37 -6.49 6.53
CA ALA A 813 -9.73 -6.63 7.03
C ALA A 813 -10.15 -8.10 7.06
N ARG A 814 -9.64 -8.88 6.11
CA ARG A 814 -9.92 -10.35 6.19
C ARG A 814 -9.22 -10.87 7.45
N TYR A 815 -8.05 -10.33 7.78
CA TYR A 815 -7.39 -10.74 9.02
C TYR A 815 -7.95 -10.02 10.25
N HIS A 816 -8.93 -9.13 10.10
CA HIS A 816 -9.50 -8.48 11.27
C HIS A 816 -10.74 -9.17 11.82
N LEU A 817 -11.41 -10.01 11.03
CA LEU A 817 -12.59 -10.74 11.48
C LEU A 817 -12.30 -12.22 11.66
N VAL A 818 -11.13 -12.55 12.20
CA VAL A 818 -10.78 -13.94 12.50
C VAL A 818 -11.40 -14.30 13.85
N ASP A 819 -12.39 -15.20 13.81
CA ASP A 819 -13.15 -15.67 14.98
C ASP A 819 -13.77 -14.50 15.75
N LYS A 820 -14.67 -13.80 15.07
CA LYS A 820 -15.33 -12.62 15.62
C LYS A 820 -16.83 -12.86 15.72
N ASP A 838 -23.64 -7.90 7.51
CA ASP A 838 -24.17 -6.57 7.93
C ASP A 838 -23.02 -5.71 8.45
N HIS A 839 -23.29 -4.86 9.45
CA HIS A 839 -22.25 -3.97 10.02
C HIS A 839 -22.55 -3.72 11.51
N GLN A 840 -21.93 -4.50 12.40
CA GLN A 840 -22.13 -4.32 13.86
C GLN A 840 -20.79 -4.54 14.58
N ALA A 841 -20.69 -5.58 15.41
CA ALA A 841 -19.40 -5.90 16.06
C ALA A 841 -18.32 -5.97 14.98
N LEU A 842 -18.64 -6.61 13.85
CA LEU A 842 -17.70 -6.67 12.72
C LEU A 842 -17.17 -5.26 12.41
N ALA A 843 -18.08 -4.31 12.19
CA ALA A 843 -17.68 -2.93 11.86
C ALA A 843 -16.70 -2.41 12.92
N LYS A 844 -16.95 -2.72 14.20
CA LYS A 844 -16.09 -2.17 15.23
C LYS A 844 -14.79 -2.95 15.40
N ALA A 845 -14.68 -4.13 14.79
CA ALA A 845 -13.45 -4.91 14.84
C ALA A 845 -12.51 -4.59 13.69
N VAL A 846 -12.92 -3.76 12.74
CA VAL A 846 -12.08 -3.37 11.61
C VAL A 846 -11.77 -1.88 11.61
N GLN A 847 -12.17 -1.14 12.65
CA GLN A 847 -11.94 0.30 12.68
C GLN A 847 -10.48 0.58 13.03
N VAL A 848 -9.83 1.40 12.20
CA VAL A 848 -8.40 1.64 12.34
C VAL A 848 -8.16 2.63 13.48
N HIS A 849 -7.17 2.32 14.33
CA HIS A 849 -6.88 3.05 15.55
C HIS A 849 -6.36 4.45 15.20
N GLN A 850 -6.45 5.37 16.17
CA GLN A 850 -6.43 6.81 15.91
C GLN A 850 -5.13 7.29 15.26
N ASP A 851 -3.98 6.79 15.72
CA ASP A 851 -2.73 7.16 15.07
C ASP A 851 -2.25 6.10 14.08
N THR A 852 -3.13 5.19 13.67
CA THR A 852 -2.80 4.17 12.67
C THR A 852 -3.26 4.58 11.28
N LEU A 853 -4.26 5.48 11.18
CA LEU A 853 -4.51 6.12 9.89
C LEU A 853 -3.32 6.97 9.45
N ARG A 854 -2.74 7.74 10.37
CA ARG A 854 -1.58 8.55 10.01
C ARG A 854 -0.31 7.72 9.88
N THR A 855 -0.33 6.45 10.26
CA THR A 855 0.77 5.53 10.05
C THR A 855 0.47 4.70 8.81
N MET A 856 1.52 4.25 8.12
CA MET A 856 1.34 3.40 6.94
C MET A 856 1.58 1.95 7.34
N TYR A 857 0.56 1.37 7.97
CA TYR A 857 0.64 -0.01 8.44
C TYR A 857 0.66 -1.00 7.29
N PHE A 858 0.06 -0.63 6.17
CA PHE A 858 -0.13 -1.52 5.02
C PHE A 858 1.05 -1.49 4.05
N ALA A 859 2.05 -0.63 4.30
CA ALA A 859 3.17 -0.37 3.39
C ALA A 859 2.69 -0.02 1.98
#